data_2PXD
#
_entry.id   2PXD
#
_cell.length_a   131.881
_cell.length_b   77.867
_cell.length_c   32.428
_cell.angle_alpha   90.00
_cell.angle_beta   94.04
_cell.angle_gamma   90.00
#
_symmetry.space_group_name_H-M   'C 1 2 1'
#
loop_
_entity.id
_entity.type
_entity.pdbx_description
1 polymer '4.5 S RNA'
2 polymer 'Signal recognition particle protein'
3 non-polymer 'COBALT HEXAMMINE(III)'
#
loop_
_entity_poly.entity_id
_entity_poly.type
_entity_poly.pdbx_seq_one_letter_code
_entity_poly.pdbx_strand_id
1 'polyribonucleotide' GGGGCUGUUUACCAGGUCAGGUCCGAAAGGAAGCAGCCAAGGCAGUUCC B
2 'polypeptide(L)'
;FDLNDFLEQLRQMKN(MSE)GG(MSE)ASL(MSE)GKLPG(MSE)GQIPDNVKSQ(MSE)DDKVLVR(MSE)EAIINS
(MSE)T(MSE)KERAKPEIIKGSRKRRIAAGSG(MSE)QVQDVNRLLKQFDD(MSE)QR(MSE)(MSE)KK(MSE)
;
A
#
loop_
_chem_comp.id
_chem_comp.type
_chem_comp.name
_chem_comp.formula
A RNA linking ADENOSINE-5'-MONOPHOSPHATE 'C10 H14 N5 O7 P'
C RNA linking CYTIDINE-5'-MONOPHOSPHATE 'C9 H14 N3 O8 P'
G RNA linking GUANOSINE-5'-MONOPHOSPHATE 'C10 H14 N5 O8 P'
NCO non-polymer 'COBALT HEXAMMINE(III)' 'Co H18 N6 3'
U RNA linking URIDINE-5'-MONOPHOSPHATE 'C9 H13 N2 O9 P'
#
# COMPACT_ATOMS: atom_id res chain seq x y z
N PHE B 1 -8.08 8.62 -6.21
CA PHE B 1 -6.76 8.55 -5.52
C PHE B 1 -6.36 7.10 -5.25
N ASP B 2 -5.75 6.44 -6.23
CA ASP B 2 -5.31 5.06 -6.06
C ASP B 2 -3.89 5.08 -5.50
N LEU B 3 -3.36 3.90 -5.23
CA LEU B 3 -2.02 3.79 -4.68
C LEU B 3 -0.95 4.36 -5.59
N ASN B 4 -1.24 4.42 -6.88
CA ASN B 4 -0.28 4.95 -7.84
C ASN B 4 0.10 6.38 -7.44
N ASP B 5 -0.90 7.19 -7.16
CA ASP B 5 -0.67 8.58 -6.77
C ASP B 5 0.09 8.56 -5.45
N PHE B 6 -0.56 8.00 -4.44
CA PHE B 6 0.02 7.91 -3.10
C PHE B 6 1.49 7.50 -3.17
N LEU B 7 1.84 6.80 -4.25
CA LEU B 7 3.22 6.37 -4.44
C LEU B 7 4.07 7.56 -4.82
N GLU B 8 3.63 8.31 -5.82
CA GLU B 8 4.35 9.50 -6.26
C GLU B 8 4.75 10.33 -5.05
N GLN B 9 3.78 10.61 -4.19
CA GLN B 9 4.01 11.41 -3.00
C GLN B 9 5.06 10.77 -2.08
N LYS B 43 14.10 7.86 4.09
CA LYS B 43 14.62 6.56 4.50
C LYS B 43 13.47 5.60 4.84
N VAL B 44 12.43 6.12 5.49
CA VAL B 44 11.27 5.32 5.85
C VAL B 44 10.30 5.36 4.67
N LEU B 45 10.59 6.23 3.71
CA LEU B 45 9.76 6.33 2.52
C LEU B 45 10.28 5.28 1.55
N VAL B 46 11.60 5.19 1.43
CA VAL B 46 12.23 4.22 0.56
C VAL B 46 11.83 2.82 1.00
N ARG B 47 11.17 2.75 2.16
CA ARG B 47 10.72 1.47 2.71
C ARG B 47 9.26 1.27 2.37
N MSE B 48 8.55 2.37 2.17
CA MSE B 48 7.14 2.31 1.82
C MSE B 48 7.02 2.10 0.33
O MSE B 48 6.10 1.45 -0.14
CB MSE B 48 6.46 3.61 2.23
CG MSE B 48 6.50 3.85 3.72
SE MSE B 48 6.06 5.67 4.09
CE MSE B 48 4.28 5.73 3.33
N GLU B 49 7.95 2.67 -0.41
CA GLU B 49 7.95 2.54 -1.86
C GLU B 49 8.12 1.06 -2.21
N ALA B 50 9.13 0.43 -1.60
CA ALA B 50 9.40 -0.97 -1.86
C ALA B 50 8.12 -1.81 -1.73
N ILE B 51 7.30 -1.47 -0.74
CA ILE B 51 6.05 -2.17 -0.47
C ILE B 51 5.03 -2.03 -1.60
N ILE B 52 4.96 -0.87 -2.23
CA ILE B 52 4.02 -0.70 -3.34
C ILE B 52 4.62 -1.34 -4.59
N ASN B 53 5.95 -1.26 -4.73
CA ASN B 53 6.62 -1.85 -5.87
C ASN B 53 6.47 -3.37 -5.93
N SER B 54 5.77 -3.94 -4.94
CA SER B 54 5.58 -5.38 -4.91
C SER B 54 4.14 -5.75 -5.19
N MSE B 55 3.32 -4.76 -5.48
CA MSE B 55 1.92 -5.01 -5.77
C MSE B 55 1.70 -5.17 -7.27
O MSE B 55 2.65 -5.18 -8.06
CB MSE B 55 1.07 -3.87 -5.25
CG MSE B 55 1.34 -3.50 -3.79
SE MSE B 55 0.19 -2.07 -3.19
CE MSE B 55 -0.66 -2.97 -1.72
N THR B 56 0.45 -5.31 -7.68
CA THR B 56 0.12 -5.46 -9.09
C THR B 56 -0.83 -4.32 -9.44
N MSE B 57 -0.76 -3.84 -10.68
CA MSE B 57 -1.60 -2.72 -11.11
C MSE B 57 -3.02 -2.78 -10.53
O MSE B 57 -3.55 -1.77 -10.10
CB MSE B 57 -1.68 -2.67 -12.63
CG MSE B 57 -1.24 -1.34 -13.21
SE MSE B 57 -2.13 0.16 -12.34
CE MSE B 57 -3.69 0.27 -13.47
N LYS B 58 -3.61 -3.97 -10.50
CA LYS B 58 -4.96 -4.12 -9.96
C LYS B 58 -4.99 -3.71 -8.49
N GLU B 59 -4.13 -4.33 -7.69
CA GLU B 59 -4.03 -4.04 -6.27
C GLU B 59 -3.91 -2.51 -6.09
N ARG B 60 -2.89 -1.92 -6.68
CA ARG B 60 -2.67 -0.48 -6.61
C ARG B 60 -3.86 0.31 -7.12
N ALA B 61 -4.75 -0.33 -7.87
CA ALA B 61 -5.90 0.38 -8.42
C ALA B 61 -7.14 0.25 -7.56
N LYS B 62 -7.38 -0.96 -7.04
CA LYS B 62 -8.55 -1.21 -6.20
C LYS B 62 -8.10 -2.00 -4.96
N PRO B 63 -7.44 -1.30 -4.00
CA PRO B 63 -6.91 -1.85 -2.75
C PRO B 63 -7.82 -2.72 -1.89
N GLU B 64 -9.12 -2.41 -1.85
CA GLU B 64 -10.03 -3.19 -1.04
C GLU B 64 -9.85 -4.67 -1.29
N ILE B 65 -9.60 -5.02 -2.54
CA ILE B 65 -9.39 -6.41 -2.92
C ILE B 65 -8.23 -7.02 -2.15
N ILE B 66 -7.35 -6.18 -1.64
CA ILE B 66 -6.18 -6.66 -0.91
C ILE B 66 -6.53 -7.27 0.44
N LYS B 67 -6.42 -8.59 0.53
CA LYS B 67 -6.72 -9.30 1.77
C LYS B 67 -5.52 -10.12 2.30
N GLY B 68 -5.81 -11.13 3.10
CA GLY B 68 -4.77 -11.95 3.67
C GLY B 68 -3.69 -12.33 2.69
N SER B 69 -3.89 -13.49 2.04
CA SER B 69 -2.96 -14.07 1.06
C SER B 69 -2.15 -13.09 0.24
N ARG B 70 -2.80 -12.09 -0.34
CA ARG B 70 -2.06 -11.13 -1.14
C ARG B 70 -1.05 -10.40 -0.27
N LYS B 71 -1.51 -9.92 0.90
CA LYS B 71 -0.63 -9.23 1.85
C LYS B 71 0.62 -10.05 2.10
N ARG B 72 0.46 -11.34 2.35
CA ARG B 72 1.61 -12.19 2.57
C ARG B 72 2.59 -12.11 1.39
N ARG B 73 2.06 -12.00 0.17
CA ARG B 73 2.92 -11.95 -1.00
C ARG B 73 3.75 -10.67 -1.04
N ILE B 74 3.06 -9.55 -0.85
CA ILE B 74 3.67 -8.23 -0.86
C ILE B 74 4.77 -8.04 0.17
N ALA B 75 4.43 -8.24 1.44
CA ALA B 75 5.40 -8.11 2.52
C ALA B 75 6.64 -8.90 2.13
N ALA B 76 6.49 -10.22 2.04
CA ALA B 76 7.62 -11.07 1.68
C ALA B 76 8.27 -10.62 0.39
N GLY B 77 7.47 -9.96 -0.46
CA GLY B 77 7.98 -9.48 -1.73
C GLY B 77 8.84 -8.24 -1.61
N SER B 78 8.74 -7.56 -0.47
CA SER B 78 9.54 -6.35 -0.22
C SER B 78 10.26 -6.45 1.12
N GLY B 79 10.82 -7.64 1.38
CA GLY B 79 11.55 -7.86 2.62
C GLY B 79 10.89 -7.29 3.85
N MSE B 80 9.58 -7.11 3.79
CA MSE B 80 8.82 -6.56 4.91
C MSE B 80 8.12 -7.65 5.71
O MSE B 80 8.48 -8.82 5.64
CB MSE B 80 7.77 -5.58 4.40
CG MSE B 80 8.33 -4.47 3.56
SE MSE B 80 9.21 -3.14 4.61
CE MSE B 80 10.87 -4.09 5.00
N GLN B 81 7.13 -7.23 6.47
CA GLN B 81 6.32 -8.13 7.29
C GLN B 81 4.92 -7.60 7.07
N VAL B 82 3.89 -8.36 7.43
CA VAL B 82 2.54 -7.90 7.19
C VAL B 82 2.16 -6.66 7.97
N GLN B 83 2.71 -6.51 9.17
CA GLN B 83 2.42 -5.34 9.99
C GLN B 83 2.83 -4.09 9.20
N ASP B 84 4.01 -4.17 8.59
CA ASP B 84 4.53 -3.08 7.79
C ASP B 84 3.49 -2.77 6.71
N VAL B 85 3.01 -3.81 6.04
CA VAL B 85 2.01 -3.65 4.99
C VAL B 85 0.72 -3.05 5.52
N ASN B 86 0.19 -3.65 6.58
CA ASN B 86 -1.04 -3.17 7.21
C ASN B 86 -0.93 -1.68 7.52
N ARG B 87 0.27 -1.27 7.93
CA ARG B 87 0.52 0.13 8.26
C ARG B 87 0.37 1.02 7.04
N LEU B 88 1.10 0.68 5.98
CA LEU B 88 1.06 1.46 4.75
C LEU B 88 -0.38 1.61 4.30
N LEU B 89 -1.07 0.48 4.25
CA LEU B 89 -2.47 0.46 3.85
C LEU B 89 -3.25 1.32 4.83
N LYS B 90 -2.77 1.34 6.09
CA LYS B 90 -3.38 2.14 7.12
C LYS B 90 -3.14 3.59 6.74
N GLN B 91 -1.90 3.89 6.32
CA GLN B 91 -1.54 5.23 5.90
C GLN B 91 -2.37 5.68 4.70
N PHE B 92 -2.45 4.83 3.68
CA PHE B 92 -3.23 5.15 2.49
C PHE B 92 -4.68 5.45 2.84
N ASP B 93 -5.27 4.59 3.66
CA ASP B 93 -6.65 4.78 4.06
C ASP B 93 -6.83 6.19 4.60
N ASP B 94 -6.01 6.55 5.59
CA ASP B 94 -6.08 7.87 6.20
C ASP B 94 -5.95 8.95 5.14
N MSE B 95 -4.99 8.76 4.25
CA MSE B 95 -4.75 9.71 3.17
C MSE B 95 -5.95 9.82 2.25
O MSE B 95 -6.37 10.93 1.89
CB MSE B 95 -3.52 9.27 2.36
CG MSE B 95 -3.17 10.19 1.21
SE MSE B 95 -2.56 11.91 1.79
CE MSE B 95 -0.66 11.56 1.86
N GLN B 96 -6.51 8.68 1.87
CA GLN B 96 -7.66 8.65 0.98
C GLN B 96 -8.86 9.30 1.64
N ARG B 97 -9.29 8.75 2.77
CA ARG B 97 -10.44 9.26 3.50
C ARG B 97 -10.43 10.78 3.57
N MSE B 98 -9.25 11.35 3.82
CA MSE B 98 -9.12 12.79 3.92
C MSE B 98 -9.61 13.45 2.62
O MSE B 98 -10.51 14.29 2.65
CB MSE B 98 -7.66 13.17 4.16
CG MSE B 98 -7.42 14.66 4.35
SE MSE B 98 -5.56 15.07 4.69
CE MSE B 98 -5.57 14.87 6.61
N MSE B 99 -9.02 13.05 1.51
CA MSE B 99 -9.39 13.59 0.20
C MSE B 99 -10.86 13.34 -0.09
O MSE B 99 -11.53 14.17 -0.69
CB MSE B 99 -8.52 12.95 -0.89
CG MSE B 99 -7.03 13.22 -0.72
SE MSE B 99 -6.67 15.11 -0.58
CE MSE B 99 -6.48 15.51 -2.47
N LYS B 100 -11.35 12.18 0.31
CA LYS B 100 -12.75 11.83 0.10
C LYS B 100 -13.58 12.78 0.94
N LYS B 101 -12.91 13.79 1.51
CA LYS B 101 -13.56 14.81 2.33
C LYS B 101 -13.12 16.20 1.92
N MSE B 102 -13.39 16.54 0.67
CA MSE B 102 -13.05 17.85 0.11
C MSE B 102 -13.25 17.85 -1.41
O MSE B 102 -14.04 18.67 -1.89
OXT MSE B 102 -12.60 17.02 -2.09
CB MSE B 102 -11.59 18.21 0.44
CG MSE B 102 -10.58 17.18 0.00
SE MSE B 102 -8.81 17.64 0.60
CE MSE B 102 -8.33 18.87 -0.80
CO NCO C . -0.62 -17.63 -25.64
N1 NCO C . -2.02 -18.49 -24.57
N2 NCO C . 0.78 -16.78 -26.73
N3 NCO C . -0.73 -16.02 -24.50
N4 NCO C . -2.01 -16.87 -26.83
N5 NCO C . -0.50 -19.23 -26.77
N6 NCO C . 0.77 -18.38 -24.45
CO NCO D . 7.44 -15.91 -10.87
N1 NCO D . 7.04 -17.81 -10.53
N2 NCO D . 7.84 -13.99 -11.20
N3 NCO D . 6.69 -15.43 -9.11
N4 NCO D . 5.65 -15.68 -11.67
N5 NCO D . 8.18 -16.37 -12.64
N6 NCO D . 9.23 -16.14 -10.06
CO NCO E . 19.23 -5.27 -5.44
N1 NCO E . 18.85 -7.19 -5.71
N2 NCO E . 19.61 -3.36 -5.19
N3 NCO E . 18.89 -5.47 -3.52
N4 NCO E . 17.33 -4.85 -5.74
N5 NCO E . 19.57 -5.07 -7.37
N6 NCO E . 21.13 -5.70 -5.16
CO NCO F . 23.62 -5.30 7.28
N1 NCO F . 23.27 -7.15 6.70
N2 NCO F . 23.97 -3.45 7.86
N3 NCO F . 22.56 -5.62 8.91
N4 NCO F . 22.00 -4.69 6.35
N5 NCO F . 24.67 -4.97 5.65
N6 NCO F . 25.24 -5.90 8.21
CO NCO G . 25.86 -5.67 -2.36
N1 NCO G . 25.30 -7.52 -2.77
N2 NCO G . 26.41 -3.83 -1.94
N3 NCO G . 24.34 -4.98 -3.41
N4 NCO G . 26.99 -5.65 -3.97
N5 NCO G . 27.36 -6.37 -1.30
N6 NCO G . 24.73 -5.69 -0.74
CO NCO H . 18.38 -16.40 -8.96
N1 NCO H . 20.10 -17.17 -8.35
N2 NCO H . 16.67 -15.62 -9.56
N3 NCO H . 17.55 -18.18 -8.86
N4 NCO H . 18.89 -16.74 -10.83
N5 NCO H . 19.21 -14.62 -9.07
N6 NCO H . 17.87 -16.06 -7.09
CO NCO I . -4.95 -25.63 -32.35
N1 NCO I . -6.67 -24.67 -32.21
N2 NCO I . -3.23 -26.58 -32.50
N3 NCO I . -5.24 -25.85 -34.29
N4 NCO I . -5.87 -27.34 -32.02
N5 NCO I . -4.66 -25.40 -30.42
N6 NCO I . -4.03 -23.91 -32.69
#